data_2L5R
#
_entry.id   2L5R
#
_entity_poly.entity_id   1
_entity_poly.type   'polypeptide(L)'
_entity_poly.pdbx_seq_one_letter_code
;GLKEIFKAGLGSLVKGIAAHVAS
;
_entity_poly.pdbx_strand_id   A
#
# COMPACT_ATOMS: atom_id res chain seq x y z
N GLY A 1 8.73 -0.63 -14.54
CA GLY A 1 9.72 -0.08 -13.62
C GLY A 1 9.32 -0.32 -12.19
N LEU A 2 10.26 -0.11 -11.23
CA LEU A 2 9.93 -0.31 -9.82
C LEU A 2 8.92 0.71 -9.34
N LYS A 3 8.78 1.89 -10.00
CA LYS A 3 7.87 2.90 -9.47
C LYS A 3 6.44 2.41 -9.54
N GLU A 4 6.00 1.83 -10.68
CA GLU A 4 4.65 1.31 -10.75
C GLU A 4 4.47 0.25 -9.68
N ILE A 5 5.43 -0.67 -9.53
CA ILE A 5 5.27 -1.76 -8.57
C ILE A 5 5.18 -1.18 -7.19
N PHE A 6 6.08 -0.23 -6.83
CA PHE A 6 6.08 0.32 -5.48
C PHE A 6 4.79 1.08 -5.30
N LYS A 7 4.56 2.13 -6.10
CA LYS A 7 3.45 3.04 -5.83
C LYS A 7 2.14 2.28 -5.79
N ALA A 8 1.84 1.44 -6.80
CA ALA A 8 0.57 0.72 -6.80
C ALA A 8 0.57 -0.34 -5.73
N GLY A 9 1.63 -1.17 -5.64
CA GLY A 9 1.63 -2.25 -4.67
C GLY A 9 1.40 -1.73 -3.27
N LEU A 10 2.30 -0.86 -2.77
CA LEU A 10 2.11 -0.34 -1.41
C LEU A 10 0.84 0.47 -1.37
N GLY A 11 0.44 1.18 -2.44
CA GLY A 11 -0.77 1.99 -2.38
C GLY A 11 -1.96 1.14 -2.01
N SER A 12 -2.10 -0.06 -2.60
CA SER A 12 -3.24 -0.92 -2.26
C SER A 12 -3.03 -1.58 -0.93
N LEU A 13 -1.85 -2.20 -0.70
CA LEU A 13 -1.65 -2.98 0.52
C LEU A 13 -1.68 -2.10 1.74
N VAL A 14 -1.00 -0.93 1.73
CA VAL A 14 -0.96 -0.10 2.94
C VAL A 14 -2.37 0.13 3.45
N LYS A 15 -3.38 0.31 2.57
CA LYS A 15 -4.73 0.54 3.07
C LYS A 15 -5.18 -0.74 3.73
N GLY A 16 -5.17 -1.90 3.03
CA GLY A 16 -5.65 -3.13 3.64
C GLY A 16 -4.96 -3.45 4.95
N ILE A 17 -3.64 -3.18 5.06
CA ILE A 17 -2.90 -3.56 6.26
C ILE A 17 -3.06 -2.47 7.29
N ALA A 18 -2.62 -1.23 7.00
CA ALA A 18 -2.65 -0.18 8.01
C ALA A 18 -4.06 0.09 8.50
N ALA A 19 -5.10 0.00 7.64
CA ALA A 19 -6.46 0.29 8.11
C ALA A 19 -6.73 -0.30 9.47
N HIS A 20 -6.34 -1.56 9.73
CA HIS A 20 -6.62 -2.15 11.05
C HIS A 20 -6.00 -1.28 12.11
N VAL A 21 -4.71 -0.91 11.97
CA VAL A 21 -4.07 -0.04 12.96
C VAL A 21 -4.52 1.38 12.74
N ALA A 22 -4.11 2.04 11.63
CA ALA A 22 -4.52 3.42 11.38
C ALA A 22 -5.90 3.43 10.76
N SER A 23 -6.96 3.14 11.55
CA SER A 23 -8.31 3.19 11.01
C SER A 23 -8.67 4.64 10.81
N GLY A 1 10.49 1.61 -13.89
CA GLY A 1 11.37 0.53 -13.49
C GLY A 1 10.88 -0.05 -12.18
N LEU A 2 10.99 0.72 -11.08
CA LEU A 2 10.49 0.25 -9.78
C LEU A 2 9.60 1.33 -9.19
N LYS A 3 8.69 1.92 -10.01
CA LYS A 3 7.70 2.86 -9.48
C LYS A 3 6.36 2.17 -9.47
N GLU A 4 5.81 1.77 -10.64
CA GLU A 4 4.47 1.18 -10.64
C GLU A 4 4.38 0.09 -9.59
N ILE A 5 5.39 -0.81 -9.51
CA ILE A 5 5.32 -1.88 -8.51
C ILE A 5 5.38 -1.25 -7.14
N PHE A 6 6.41 -0.42 -6.86
CA PHE A 6 6.54 0.14 -5.52
C PHE A 6 5.30 0.92 -5.12
N LYS A 7 4.96 1.98 -5.88
CA LYS A 7 3.89 2.89 -5.45
C LYS A 7 2.54 2.21 -5.49
N ALA A 8 2.16 1.55 -6.59
CA ALA A 8 0.83 0.94 -6.65
C ALA A 8 0.76 -0.21 -5.66
N GLY A 9 1.78 -1.09 -5.64
CA GLY A 9 1.74 -2.23 -4.74
C GLY A 9 1.50 -1.78 -3.32
N LEU A 10 2.40 -0.93 -2.77
CA LEU A 10 2.18 -0.47 -1.39
C LEU A 10 0.91 0.32 -1.32
N GLY A 11 0.52 1.08 -2.38
CA GLY A 11 -0.71 1.88 -2.31
C GLY A 11 -1.90 1.01 -2.00
N SER A 12 -2.01 -0.17 -2.65
CA SER A 12 -3.15 -1.05 -2.38
C SER A 12 -2.98 -1.75 -1.05
N LEU A 13 -1.79 -2.29 -0.76
CA LEU A 13 -1.62 -3.09 0.45
C LEU A 13 -1.72 -2.23 1.68
N VAL A 14 -1.09 -1.03 1.70
CA VAL A 14 -1.11 -0.21 2.91
C VAL A 14 -2.53 -0.02 3.39
N LYS A 15 -3.52 0.17 2.49
CA LYS A 15 -4.90 0.21 2.96
C LYS A 15 -5.20 -1.11 3.64
N GLY A 16 -5.10 -2.25 2.92
CA GLY A 16 -5.48 -3.53 3.52
C GLY A 16 -4.80 -3.79 4.84
N ILE A 17 -3.53 -3.34 5.02
CA ILE A 17 -2.78 -3.68 6.23
C ILE A 17 -2.96 -2.57 7.24
N ALA A 18 -2.51 -1.32 6.94
CA ALA A 18 -2.56 -0.27 7.94
C ALA A 18 -3.98 0.02 8.38
N ALA A 19 -4.98 -0.02 7.49
CA ALA A 19 -6.35 0.31 7.91
C ALA A 19 -6.68 -0.27 9.26
N HIS A 20 -6.32 -1.55 9.53
CA HIS A 20 -6.65 -2.13 10.82
C HIS A 20 -6.01 -1.33 11.93
N VAL A 21 -4.70 -1.01 11.81
CA VAL A 21 -4.03 -0.21 12.83
C VAL A 21 -4.47 1.23 12.67
N ALA A 22 -4.10 1.91 11.56
CA ALA A 22 -4.51 3.30 11.36
C ALA A 22 -5.94 3.33 10.86
N SER A 23 -6.93 3.01 11.72
CA SER A 23 -8.32 3.08 11.31
C SER A 23 -8.75 4.52 11.36
N GLY A 1 9.66 -0.48 -14.03
CA GLY A 1 10.44 0.35 -13.13
C GLY A 1 10.12 0.02 -11.69
N LEU A 2 10.68 0.80 -10.75
CA LEU A 2 10.44 0.58 -9.32
C LEU A 2 9.51 1.68 -8.85
N LYS A 3 8.36 1.85 -9.54
CA LYS A 3 7.45 2.95 -9.23
C LYS A 3 6.02 2.52 -9.45
N GLU A 4 5.64 2.05 -10.65
CA GLU A 4 4.34 1.39 -10.80
C GLU A 4 4.26 0.30 -9.76
N ILE A 5 5.33 -0.52 -9.61
CA ILE A 5 5.28 -1.61 -8.64
C ILE A 5 5.14 -1.01 -7.25
N PHE A 6 5.93 0.02 -6.90
CA PHE A 6 5.85 0.55 -5.54
C PHE A 6 4.46 1.11 -5.33
N LYS A 7 4.06 2.19 -6.04
CA LYS A 7 2.76 2.81 -5.78
C LYS A 7 1.64 1.81 -5.90
N ALA A 8 1.57 0.99 -6.97
CA ALA A 8 0.47 0.04 -7.07
C ALA A 8 0.48 -0.88 -5.87
N GLY A 9 1.65 -1.46 -5.54
CA GLY A 9 1.71 -2.40 -4.43
C GLY A 9 1.40 -1.72 -3.13
N LEU A 10 2.30 -0.84 -2.62
CA LEU A 10 2.07 -0.25 -1.31
C LEU A 10 0.78 0.53 -1.29
N GLY A 11 0.35 1.18 -2.39
CA GLY A 11 -0.89 1.94 -2.34
C GLY A 11 -2.06 1.05 -2.00
N SER A 12 -2.14 -0.15 -2.62
CA SER A 12 -3.24 -1.06 -2.30
C SER A 12 -3.03 -1.69 -0.95
N LEU A 13 -1.82 -2.23 -0.69
CA LEU A 13 -1.60 -2.99 0.54
C LEU A 13 -1.67 -2.10 1.76
N VAL A 14 -1.06 -0.89 1.73
CA VAL A 14 -1.05 -0.06 2.94
C VAL A 14 -2.46 0.09 3.46
N LYS A 15 -3.49 0.22 2.60
CA LYS A 15 -4.85 0.33 3.13
C LYS A 15 -5.19 -1.00 3.75
N GLY A 16 -5.07 -2.13 2.99
CA GLY A 16 -5.43 -3.42 3.55
C GLY A 16 -4.75 -3.71 4.87
N ILE A 17 -3.50 -3.25 5.06
CA ILE A 17 -2.74 -3.57 6.28
C ILE A 17 -2.98 -2.47 7.29
N ALA A 18 -2.57 -1.22 7.00
CA ALA A 18 -2.67 -0.15 8.01
C ALA A 18 -4.09 0.05 8.46
N ALA A 19 -5.12 -0.05 7.58
CA ALA A 19 -6.49 0.21 8.02
C ALA A 19 -6.76 -0.36 9.39
N HIS A 20 -6.34 -1.61 9.67
CA HIS A 20 -6.63 -2.18 10.99
C HIS A 20 -6.02 -1.30 12.07
N VAL A 21 -4.73 -0.91 11.92
CA VAL A 21 -4.12 -0.01 12.89
C VAL A 21 -4.67 1.39 12.67
N ALA A 22 -4.34 2.06 11.54
CA ALA A 22 -4.82 3.41 11.28
C ALA A 22 -6.24 3.34 10.74
N SER A 23 -7.23 2.99 11.60
CA SER A 23 -8.62 2.97 11.15
C SER A 23 -9.09 4.40 11.08
N GLY A 1 12.15 3.36 -12.96
CA GLY A 1 11.58 2.05 -12.71
C GLY A 1 11.24 1.89 -11.25
N LEU A 2 10.65 0.74 -10.84
CA LEU A 2 10.30 0.54 -9.44
C LEU A 2 9.41 1.67 -8.99
N LYS A 3 8.31 1.89 -9.75
CA LYS A 3 7.32 2.92 -9.40
C LYS A 3 5.93 2.36 -9.60
N GLU A 4 5.55 1.89 -10.81
CA GLU A 4 4.26 1.22 -10.96
C GLU A 4 4.10 0.19 -9.86
N ILE A 5 5.14 -0.64 -9.61
CA ILE A 5 5.01 -1.68 -8.60
C ILE A 5 5.14 -1.07 -7.22
N PHE A 6 6.21 -0.29 -6.96
CA PHE A 6 6.39 0.26 -5.61
C PHE A 6 5.17 1.05 -5.21
N LYS A 7 4.79 2.08 -5.99
CA LYS A 7 3.69 2.95 -5.58
C LYS A 7 2.39 2.19 -5.52
N ALA A 8 1.97 1.48 -6.60
CA ALA A 8 0.66 0.84 -6.57
C ALA A 8 0.63 -0.27 -5.56
N GLY A 9 1.66 -1.16 -5.57
CA GLY A 9 1.66 -2.29 -4.65
C GLY A 9 1.44 -1.81 -3.24
N LEU A 10 2.34 -0.95 -2.70
CA LEU A 10 2.15 -0.48 -1.34
C LEU A 10 0.88 0.32 -1.26
N GLY A 11 0.50 1.10 -2.31
CA GLY A 11 -0.70 1.92 -2.22
C GLY A 11 -1.91 1.10 -1.86
N SER A 12 -2.09 -0.07 -2.50
CA SER A 12 -3.25 -0.90 -2.18
C SER A 12 -3.04 -1.62 -0.87
N LEU A 13 -1.86 -2.24 -0.66
CA LEU A 13 -1.67 -3.06 0.53
C LEU A 13 -1.71 -2.20 1.78
N VAL A 14 -0.97 -1.07 1.81
CA VAL A 14 -0.95 -0.24 3.02
C VAL A 14 -2.35 0.04 3.49
N LYS A 15 -3.32 0.26 2.57
CA LYS A 15 -4.69 0.49 3.03
C LYS A 15 -5.14 -0.74 3.80
N GLY A 16 -5.16 -1.93 3.16
CA GLY A 16 -5.69 -3.10 3.86
C GLY A 16 -4.93 -3.42 5.12
N ILE A 17 -3.59 -3.24 5.14
CA ILE A 17 -2.80 -3.64 6.30
C ILE A 17 -2.94 -2.55 7.36
N ALA A 18 -2.52 -1.31 7.06
CA ALA A 18 -2.53 -0.26 8.08
C ALA A 18 -3.95 -0.01 8.58
N ALA A 19 -4.99 -0.08 7.72
CA ALA A 19 -6.35 0.20 8.19
C ALA A 19 -6.61 -0.42 9.54
N HIS A 20 -6.23 -1.70 9.77
CA HIS A 20 -6.51 -2.29 11.07
C HIS A 20 -5.87 -1.46 12.16
N VAL A 21 -4.58 -1.09 12.01
CA VAL A 21 -3.92 -0.26 13.03
C VAL A 21 -4.39 1.16 12.85
N ALA A 22 -3.98 1.86 11.76
CA ALA A 22 -4.38 3.25 11.56
C ALA A 22 -5.74 3.29 10.90
N SER A 23 -6.82 2.96 11.64
CA SER A 23 -8.16 3.05 11.07
C SER A 23 -8.55 4.50 10.91
N GLY A 1 9.20 1.38 -13.56
CA GLY A 1 10.05 0.29 -13.11
C GLY A 1 9.78 0.07 -11.65
N LEU A 2 10.14 1.06 -10.79
CA LEU A 2 9.89 0.95 -9.35
C LEU A 2 8.83 1.95 -8.91
N LYS A 3 7.95 2.43 -9.82
CA LYS A 3 6.86 3.35 -9.44
C LYS A 3 5.56 2.60 -9.61
N GLU A 4 5.22 2.12 -10.82
CA GLU A 4 3.98 1.35 -10.96
C GLU A 4 3.96 0.27 -9.90
N ILE A 5 5.10 -0.41 -9.65
CA ILE A 5 5.12 -1.46 -8.63
C ILE A 5 5.00 -0.83 -7.27
N PHE A 6 5.80 0.21 -6.93
CA PHE A 6 5.73 0.76 -5.59
C PHE A 6 4.35 1.36 -5.38
N LYS A 7 3.98 2.41 -6.15
CA LYS A 7 2.70 3.09 -5.93
C LYS A 7 1.57 2.08 -5.81
N ALA A 8 1.39 1.18 -6.80
CA ALA A 8 0.25 0.28 -6.75
C ALA A 8 0.39 -0.68 -5.59
N GLY A 9 1.56 -1.32 -5.43
CA GLY A 9 1.71 -2.33 -4.38
C GLY A 9 1.40 -1.72 -3.04
N LEU A 10 2.22 -0.73 -2.58
CA LEU A 10 1.97 -0.15 -1.27
C LEU A 10 0.63 0.56 -1.24
N GLY A 11 0.15 1.13 -2.35
CA GLY A 11 -1.14 1.84 -2.31
C GLY A 11 -2.26 0.90 -1.95
N SER A 12 -2.28 -0.32 -2.52
CA SER A 12 -3.34 -1.27 -2.18
C SER A 12 -3.08 -1.88 -0.83
N LEU A 13 -1.84 -2.36 -0.58
CA LEU A 13 -1.57 -3.09 0.66
C LEU A 13 -1.69 -2.19 1.86
N VAL A 14 -1.22 -0.92 1.80
CA VAL A 14 -1.27 -0.07 3.00
C VAL A 14 -2.66 -0.06 3.57
N LYS A 15 -3.73 0.00 2.75
CA LYS A 15 -5.07 -0.08 3.32
C LYS A 15 -5.20 -1.45 3.95
N GLY A 16 -4.98 -2.55 3.18
CA GLY A 16 -5.16 -3.88 3.74
C GLY A 16 -4.44 -4.09 5.05
N ILE A 17 -3.24 -3.49 5.23
CA ILE A 17 -2.45 -3.72 6.44
C ILE A 17 -2.75 -2.63 7.45
N ALA A 18 -2.46 -1.35 7.13
CA ALA A 18 -2.64 -0.29 8.12
C ALA A 18 -4.07 -0.20 8.59
N ALA A 19 -5.08 -0.47 7.74
CA ALA A 19 -6.47 -0.28 8.18
C ALA A 19 -6.69 -0.76 9.60
N HIS A 20 -6.22 -1.98 9.95
CA HIS A 20 -6.47 -2.48 11.30
C HIS A 20 -5.94 -1.47 12.31
N VAL A 21 -4.70 -0.95 12.10
CA VAL A 21 -4.14 0.02 13.05
C VAL A 21 -4.80 1.36 12.83
N ALA A 22 -4.66 1.98 11.63
CA ALA A 22 -5.14 3.34 11.40
C ALA A 22 -6.18 3.35 10.30
N SER A 23 -7.41 2.89 10.59
CA SER A 23 -8.48 3.01 9.59
C SER A 23 -8.80 4.47 9.42
N GLY A 1 10.56 -0.55 -14.60
CA GLY A 1 10.92 0.38 -13.55
C GLY A 1 10.41 -0.10 -12.22
N LEU A 2 10.69 0.64 -11.13
CA LEU A 2 10.22 0.26 -9.79
C LEU A 2 9.46 1.45 -9.24
N LYS A 3 8.35 1.84 -9.93
CA LYS A 3 7.55 2.97 -9.49
C LYS A 3 6.09 2.63 -9.55
N GLU A 4 5.54 2.20 -10.71
CA GLU A 4 4.18 1.65 -10.72
C GLU A 4 4.12 0.55 -9.68
N ILE A 5 5.15 -0.34 -9.61
CA ILE A 5 5.12 -1.40 -8.61
C ILE A 5 5.14 -0.78 -7.25
N PHE A 6 6.09 0.15 -6.97
CA PHE A 6 6.18 0.72 -5.63
C PHE A 6 4.85 1.32 -5.22
N LYS A 7 4.33 2.32 -5.98
CA LYS A 7 3.09 2.97 -5.58
C LYS A 7 1.93 1.99 -5.58
N ALA A 8 1.68 1.25 -6.67
CA ALA A 8 0.49 0.40 -6.72
C ALA A 8 0.56 -0.65 -5.63
N GLY A 9 1.69 -1.38 -5.53
CA GLY A 9 1.77 -2.46 -4.55
C GLY A 9 1.49 -1.94 -3.16
N LEU A 10 2.33 -1.02 -2.65
CA LEU A 10 2.11 -0.54 -1.28
C LEU A 10 0.77 0.17 -1.20
N GLY A 11 0.33 0.89 -2.26
CA GLY A 11 -0.92 1.64 -2.15
C GLY A 11 -2.06 0.73 -1.77
N SER A 12 -2.20 -0.42 -2.46
CA SER A 12 -3.28 -1.34 -2.12
C SER A 12 -3.00 -2.01 -0.79
N LEU A 13 -1.76 -2.49 -0.56
CA LEU A 13 -1.49 -3.28 0.64
C LEU A 13 -1.58 -2.39 1.86
N VAL A 14 -0.83 -1.25 1.93
CA VAL A 14 -0.84 -0.42 3.13
C VAL A 14 -2.27 -0.18 3.58
N LYS A 15 -3.23 0.01 2.66
CA LYS A 15 -4.61 0.21 3.09
C LYS A 15 -5.06 -1.04 3.79
N GLY A 16 -5.05 -2.21 3.12
CA GLY A 16 -5.55 -3.43 3.78
C GLY A 16 -4.81 -3.77 5.04
N ILE A 17 -3.48 -3.53 5.11
CA ILE A 17 -2.68 -3.94 6.27
C ILE A 17 -2.86 -2.90 7.35
N ALA A 18 -2.48 -1.62 7.09
CA ALA A 18 -2.57 -0.61 8.13
C ALA A 18 -4.00 -0.36 8.56
N ALA A 19 -5.03 -0.61 7.70
CA ALA A 19 -6.40 -0.33 8.12
C ALA A 19 -6.65 -0.81 9.53
N HIS A 20 -6.19 -2.03 9.89
CA HIS A 20 -6.46 -2.53 11.23
C HIS A 20 -5.87 -1.58 12.24
N VAL A 21 -4.61 -1.14 12.05
CA VAL A 21 -3.99 -0.21 13.00
C VAL A 21 -4.53 1.18 12.78
N ALA A 22 -4.23 1.82 11.62
CA ALA A 22 -4.64 3.21 11.38
C ALA A 22 -5.91 3.26 10.56
N SER A 23 -7.02 2.70 11.09
CA SER A 23 -8.32 2.85 10.42
C SER A 23 -8.23 2.58 8.94
N GLY A 1 10.53 0.14 -14.03
CA GLY A 1 10.81 1.14 -13.02
C GLY A 1 10.29 0.71 -11.67
N LEU A 2 10.59 1.49 -10.60
CA LEU A 2 10.12 1.14 -9.26
C LEU A 2 9.12 2.16 -8.79
N LYS A 3 8.21 2.61 -9.69
CA LYS A 3 7.13 3.51 -9.33
C LYS A 3 5.86 2.69 -9.41
N GLU A 4 5.40 2.29 -10.62
CA GLU A 4 4.19 1.47 -10.74
C GLU A 4 4.13 0.42 -9.65
N ILE A 5 5.24 -0.33 -9.44
CA ILE A 5 5.20 -1.40 -8.45
C ILE A 5 5.07 -0.78 -7.07
N PHE A 6 5.89 0.24 -6.74
CA PHE A 6 5.82 0.81 -5.40
C PHE A 6 4.46 1.44 -5.21
N LYS A 7 4.14 2.53 -5.95
CA LYS A 7 2.91 3.28 -5.68
C LYS A 7 1.68 2.40 -5.71
N ALA A 8 1.58 1.40 -6.62
CA ALA A 8 0.37 0.57 -6.67
C ALA A 8 0.42 -0.44 -5.55
N GLY A 9 1.54 -1.18 -5.42
CA GLY A 9 1.62 -2.23 -4.40
C GLY A 9 1.36 -1.64 -3.03
N LEU A 10 2.23 -0.72 -2.57
CA LEU A 10 2.03 -0.17 -1.23
C LEU A 10 0.73 0.59 -1.17
N GLY A 11 0.29 1.26 -2.25
CA GLY A 11 -0.97 2.01 -2.17
C GLY A 11 -2.12 1.11 -1.79
N SER A 12 -2.20 -0.09 -2.40
CA SER A 12 -3.30 -1.01 -2.06
C SER A 12 -3.03 -1.68 -0.74
N LEU A 13 -1.82 -2.24 -0.54
CA LEU A 13 -1.56 -3.04 0.65
C LEU A 13 -1.63 -2.17 1.90
N VAL A 14 -1.03 -0.97 1.90
CA VAL A 14 -1.05 -0.15 3.12
C VAL A 14 -2.48 -0.01 3.61
N LYS A 15 -3.48 0.12 2.72
CA LYS A 15 -4.86 0.23 3.20
C LYS A 15 -5.23 -1.07 3.85
N GLY A 16 -5.11 -2.21 3.13
CA GLY A 16 -5.52 -3.49 3.72
C GLY A 16 -4.81 -3.78 5.03
N ILE A 17 -3.53 -3.39 5.17
CA ILE A 17 -2.77 -3.74 6.37
C ILE A 17 -3.02 -2.67 7.42
N ALA A 18 -2.66 -1.39 7.14
CA ALA A 18 -2.77 -0.36 8.17
C ALA A 18 -4.20 -0.19 8.64
N ALA A 19 -5.23 -0.37 7.77
CA ALA A 19 -6.60 -0.17 8.22
C ALA A 19 -6.84 -0.75 9.60
N HIS A 20 -6.35 -1.98 9.88
CA HIS A 20 -6.59 -2.56 11.20
C HIS A 20 -6.03 -1.62 12.25
N VAL A 21 -4.76 -1.18 12.10
CA VAL A 21 -4.16 -0.27 13.07
C VAL A 21 -4.72 1.12 12.85
N ALA A 22 -4.38 1.80 11.74
CA ALA A 22 -4.87 3.16 11.50
C ALA A 22 -6.23 3.09 10.84
N SER A 23 -7.28 2.66 11.58
CA SER A 23 -8.63 2.65 11.01
C SER A 23 -9.10 4.06 10.77
N GLY A 1 10.50 -0.30 -14.12
CA GLY A 1 11.57 -0.21 -13.14
C GLY A 1 11.02 -0.56 -11.77
N LEU A 2 10.72 0.44 -10.90
CA LEU A 2 10.19 0.11 -9.57
C LEU A 2 9.34 1.23 -9.03
N LYS A 3 8.51 1.89 -9.88
CA LYS A 3 7.64 2.98 -9.44
C LYS A 3 6.21 2.54 -9.45
N GLU A 4 5.69 1.99 -10.57
CA GLU A 4 4.32 1.48 -10.55
C GLU A 4 4.26 0.34 -9.57
N ILE A 5 5.25 -0.58 -9.57
CA ILE A 5 5.20 -1.71 -8.64
C ILE A 5 5.20 -1.15 -7.24
N PHE A 6 6.13 -0.24 -6.89
CA PHE A 6 6.17 0.26 -5.51
C PHE A 6 4.88 0.99 -5.23
N LYS A 7 4.60 2.10 -5.94
CA LYS A 7 3.47 2.95 -5.54
C LYS A 7 2.20 2.16 -5.57
N ALA A 8 1.83 1.53 -6.69
CA ALA A 8 0.55 0.80 -6.73
C ALA A 8 0.55 -0.29 -5.70
N GLY A 9 1.63 -1.12 -5.63
CA GLY A 9 1.62 -2.23 -4.69
C GLY A 9 1.41 -1.75 -3.28
N LEU A 10 2.36 -0.95 -2.74
CA LEU A 10 2.21 -0.48 -1.37
C LEU A 10 0.94 0.32 -1.23
N GLY A 11 0.50 1.06 -2.27
CA GLY A 11 -0.71 1.87 -2.13
C GLY A 11 -1.89 0.99 -1.79
N SER A 12 -2.07 -0.13 -2.52
CA SER A 12 -3.19 -1.02 -2.23
C SER A 12 -2.99 -1.69 -0.90
N LEU A 13 -1.77 -2.22 -0.62
CA LEU A 13 -1.59 -3.00 0.60
C LEU A 13 -1.67 -2.09 1.81
N VAL A 14 -0.89 -0.99 1.87
CA VAL A 14 -0.90 -0.16 3.08
C VAL A 14 -2.32 0.17 3.47
N LYS A 15 -3.25 0.39 2.51
CA LYS A 15 -4.62 0.69 2.91
C LYS A 15 -5.16 -0.51 3.65
N GLY A 16 -5.21 -1.71 3.05
CA GLY A 16 -5.81 -2.85 3.73
C GLY A 16 -5.08 -3.21 5.01
N ILE A 17 -3.73 -3.11 5.04
CA ILE A 17 -2.99 -3.55 6.22
C ILE A 17 -3.11 -2.48 7.29
N ALA A 18 -2.68 -1.23 7.00
CA ALA A 18 -2.71 -0.20 8.04
C ALA A 18 -4.11 0.08 8.49
N ALA A 19 -5.16 -0.04 7.64
CA ALA A 19 -6.52 0.25 8.08
C ALA A 19 -6.78 -0.30 9.47
N HIS A 20 -6.35 -1.55 9.77
CA HIS A 20 -6.63 -2.10 11.09
C HIS A 20 -6.00 -1.21 12.13
N VAL A 21 -4.69 -0.87 11.98
CA VAL A 21 -4.03 -0.02 12.97
C VAL A 21 -4.46 1.41 12.75
N ALA A 22 -4.06 2.05 11.63
CA ALA A 22 -4.45 3.44 11.36
C ALA A 22 -5.86 3.45 10.82
N SER A 23 -6.88 3.17 11.65
CA SER A 23 -8.25 3.24 11.18
C SER A 23 -8.65 4.70 11.07
N GLY A 1 9.78 1.29 -13.79
CA GLY A 1 10.27 -0.02 -13.39
C GLY A 1 9.72 -0.32 -12.01
N LEU A 2 10.43 0.11 -10.93
CA LEU A 2 9.93 -0.14 -9.57
C LEU A 2 8.94 0.90 -9.12
N LYS A 3 8.72 2.02 -9.85
CA LYS A 3 7.79 3.05 -9.37
C LYS A 3 6.38 2.49 -9.39
N GLU A 4 5.95 1.90 -10.52
CA GLU A 4 4.59 1.36 -10.58
C GLU A 4 4.44 0.28 -9.56
N ILE A 5 5.42 -0.63 -9.43
CA ILE A 5 5.29 -1.72 -8.46
C ILE A 5 5.19 -1.12 -7.06
N PHE A 6 5.99 -0.09 -6.75
CA PHE A 6 5.91 0.50 -5.41
C PHE A 6 4.54 1.11 -5.26
N LYS A 7 4.22 2.20 -6.00
CA LYS A 7 2.94 2.87 -5.82
C LYS A 7 1.79 1.89 -5.82
N ALA A 8 1.64 1.06 -6.87
CA ALA A 8 0.49 0.16 -6.93
C ALA A 8 0.52 -0.80 -5.77
N GLY A 9 1.67 -1.47 -5.52
CA GLY A 9 1.73 -2.47 -4.47
C GLY A 9 1.46 -1.84 -3.12
N LEU A 10 2.37 -0.98 -2.61
CA LEU A 10 2.18 -0.43 -1.27
C LEU A 10 0.89 0.35 -1.20
N GLY A 11 0.45 1.05 -2.28
CA GLY A 11 -0.79 1.82 -2.18
C GLY A 11 -1.96 0.93 -1.86
N SER A 12 -2.06 -0.24 -2.53
CA SER A 12 -3.18 -1.15 -2.24
C SER A 12 -2.98 -1.84 -0.92
N LEU A 13 -1.75 -2.34 -0.63
CA LEU A 13 -1.55 -3.13 0.58
C LEU A 13 -1.64 -2.26 1.81
N VAL A 14 -1.00 -1.07 1.84
CA VAL A 14 -1.04 -0.24 3.05
C VAL A 14 -2.48 -0.07 3.49
N LYS A 15 -3.44 0.08 2.55
CA LYS A 15 -4.83 0.19 2.98
C LYS A 15 -5.19 -1.08 3.71
N GLY A 16 -5.10 -2.27 3.07
CA GLY A 16 -5.54 -3.49 3.74
C GLY A 16 -4.81 -3.75 5.04
N ILE A 17 -3.50 -3.42 5.12
CA ILE A 17 -2.72 -3.75 6.31
C ILE A 17 -2.93 -2.67 7.34
N ALA A 18 -2.56 -1.41 7.05
CA ALA A 18 -2.64 -0.37 8.06
C ALA A 18 -4.07 -0.14 8.51
N ALA A 19 -5.09 -0.30 7.63
CA ALA A 19 -6.46 -0.02 8.05
C ALA A 19 -6.75 -0.55 9.45
N HIS A 20 -6.35 -1.79 9.76
CA HIS A 20 -6.65 -2.33 11.09
C HIS A 20 -6.06 -1.42 12.15
N VAL A 21 -4.78 -1.01 11.99
CA VAL A 21 -4.18 -0.10 12.95
C VAL A 21 -4.70 1.31 12.69
N ALA A 22 -4.33 1.94 11.56
CA ALA A 22 -4.76 3.32 11.29
C ALA A 22 -6.07 3.31 10.54
N SER A 23 -7.18 2.94 11.22
CA SER A 23 -8.51 3.04 10.62
C SER A 23 -8.53 2.59 9.19
N GLY A 1 12.57 3.20 -12.71
CA GLY A 1 12.05 1.84 -12.64
C GLY A 1 11.55 1.55 -11.25
N LEU A 2 10.96 0.36 -11.02
CA LEU A 2 10.47 0.01 -9.69
C LEU A 2 9.59 1.13 -9.16
N LYS A 3 8.68 1.66 -10.02
CA LYS A 3 7.82 2.78 -9.63
C LYS A 3 6.37 2.39 -9.69
N GLU A 4 5.87 1.83 -10.82
CA GLU A 4 4.50 1.33 -10.83
C GLU A 4 4.34 0.27 -9.75
N ILE A 5 5.31 -0.66 -9.62
CA ILE A 5 5.17 -1.72 -8.62
C ILE A 5 5.25 -1.08 -7.25
N PHE A 6 6.30 -0.30 -6.97
CA PHE A 6 6.42 0.30 -5.64
C PHE A 6 5.17 1.07 -5.29
N LYS A 7 4.73 2.00 -6.16
CA LYS A 7 3.64 2.89 -5.81
C LYS A 7 2.33 2.13 -5.71
N ALA A 8 1.97 1.34 -6.74
CA ALA A 8 0.67 0.66 -6.72
C ALA A 8 0.67 -0.42 -5.66
N GLY A 9 1.72 -1.27 -5.62
CA GLY A 9 1.74 -2.37 -4.66
C GLY A 9 1.48 -1.86 -3.27
N LEU A 10 2.34 -0.96 -2.75
CA LEU A 10 2.10 -0.46 -1.39
C LEU A 10 0.81 0.33 -1.38
N GLY A 11 0.45 1.06 -2.47
CA GLY A 11 -0.76 1.87 -2.44
C GLY A 11 -1.97 1.03 -2.07
N SER A 12 -2.10 -0.19 -2.65
CA SER A 12 -3.24 -1.03 -2.32
C SER A 12 -3.03 -1.71 -0.98
N LEU A 13 -1.84 -2.33 -0.76
CA LEU A 13 -1.66 -3.12 0.46
C LEU A 13 -1.71 -2.25 1.69
N VAL A 14 -1.08 -1.05 1.69
CA VAL A 14 -1.07 -0.24 2.91
C VAL A 14 -2.47 -0.10 3.45
N LYS A 15 -3.51 0.09 2.60
CA LYS A 15 -4.87 0.10 3.13
C LYS A 15 -5.13 -1.26 3.73
N GLY A 16 -5.05 -2.35 2.94
CA GLY A 16 -5.39 -3.66 3.48
C GLY A 16 -4.70 -3.98 4.79
N ILE A 17 -3.44 -3.50 4.99
CA ILE A 17 -2.68 -3.84 6.20
C ILE A 17 -2.89 -2.77 7.24
N ALA A 18 -2.46 -1.51 6.97
CA ALA A 18 -2.55 -0.47 7.99
C ALA A 18 -3.97 -0.17 8.39
N ALA A 19 -4.98 -0.35 7.51
CA ALA A 19 -6.36 -0.02 7.92
C ALA A 19 -6.67 -0.49 9.31
N HIS A 20 -6.26 -1.73 9.68
CA HIS A 20 -6.57 -2.23 11.01
C HIS A 20 -5.96 -1.31 12.05
N VAL A 21 -4.67 -0.92 11.87
CA VAL A 21 -4.03 -0.02 12.83
C VAL A 21 -4.52 1.40 12.59
N ALA A 22 -4.18 2.02 11.43
CA ALA A 22 -4.55 3.41 11.19
C ALA A 22 -5.86 3.49 10.41
N SER A 23 -6.97 2.97 11.00
CA SER A 23 -8.28 3.13 10.36
C SER A 23 -8.24 2.79 8.90
N GLY A 1 10.15 -1.01 -13.97
CA GLY A 1 10.60 0.09 -13.13
C GLY A 1 10.28 -0.19 -11.67
N LEU A 2 10.70 0.73 -10.76
CA LEU A 2 10.44 0.55 -9.33
C LEU A 2 9.53 1.67 -8.88
N LYS A 3 8.40 1.87 -9.61
CA LYS A 3 7.48 2.96 -9.29
C LYS A 3 6.06 2.52 -9.54
N GLU A 4 5.70 2.04 -10.75
CA GLU A 4 4.40 1.39 -10.92
C GLU A 4 4.31 0.29 -9.87
N ILE A 5 5.38 -0.52 -9.72
CA ILE A 5 5.33 -1.61 -8.74
C ILE A 5 5.25 -1.01 -7.37
N PHE A 6 6.19 -0.10 -6.99
CA PHE A 6 6.20 0.39 -5.62
C PHE A 6 4.90 1.08 -5.32
N LYS A 7 4.58 2.19 -6.04
CA LYS A 7 3.44 3.02 -5.64
C LYS A 7 2.16 2.22 -5.67
N ALA A 8 1.88 1.45 -6.74
CA ALA A 8 0.62 0.70 -6.79
C ALA A 8 0.61 -0.35 -5.70
N GLY A 9 1.69 -1.16 -5.59
CA GLY A 9 1.70 -2.23 -4.60
C GLY A 9 1.47 -1.67 -3.22
N LEU A 10 2.38 -0.81 -2.73
CA LEU A 10 2.21 -0.26 -1.39
C LEU A 10 0.92 0.52 -1.31
N GLY A 11 0.46 1.19 -2.39
CA GLY A 11 -0.76 1.98 -2.29
C GLY A 11 -1.93 1.11 -1.90
N SER A 12 -2.12 -0.04 -2.58
CA SER A 12 -3.24 -0.91 -2.25
C SER A 12 -3.00 -1.59 -0.92
N LEU A 13 -1.80 -2.15 -0.71
CA LEU A 13 -1.56 -2.94 0.50
C LEU A 13 -1.61 -2.06 1.72
N VAL A 14 -0.90 -0.90 1.73
CA VAL A 14 -0.88 -0.08 2.94
C VAL A 14 -2.28 0.20 3.40
N LYS A 15 -3.24 0.43 2.49
CA LYS A 15 -4.60 0.72 2.95
C LYS A 15 -5.10 -0.48 3.71
N GLY A 16 -5.14 -1.68 3.12
CA GLY A 16 -5.70 -2.83 3.82
C GLY A 16 -4.94 -3.17 5.08
N ILE A 17 -3.59 -3.06 5.07
CA ILE A 17 -2.80 -3.46 6.24
C ILE A 17 -2.99 -2.39 7.29
N ALA A 18 -2.61 -1.12 7.00
CA ALA A 18 -2.70 -0.08 8.02
C ALA A 18 -4.13 0.14 8.46
N ALA A 19 -5.16 -0.09 7.61
CA ALA A 19 -6.54 0.15 8.03
C ALA A 19 -6.78 -0.39 9.43
N HIS A 20 -6.30 -1.61 9.75
CA HIS A 20 -6.57 -2.14 11.09
C HIS A 20 -5.99 -1.19 12.12
N VAL A 21 -4.71 -0.77 11.95
CA VAL A 21 -4.10 0.14 12.91
C VAL A 21 -4.62 1.54 12.65
N ALA A 22 -4.22 2.20 11.53
CA ALA A 22 -4.68 3.55 11.25
C ALA A 22 -6.04 3.48 10.59
N SER A 23 -7.11 3.15 11.35
CA SER A 23 -8.45 3.14 10.77
C SER A 23 -8.86 4.57 10.56
N GLY A 1 11.23 3.29 -13.08
CA GLY A 1 11.06 1.93 -12.62
C GLY A 1 10.89 1.89 -11.12
N LEU A 2 10.49 0.73 -10.55
CA LEU A 2 10.28 0.64 -9.10
C LEU A 2 9.37 1.78 -8.68
N LYS A 3 8.23 1.94 -9.39
CA LYS A 3 7.37 3.10 -9.19
C LYS A 3 5.92 2.71 -9.36
N GLU A 4 5.50 2.20 -10.54
CA GLU A 4 4.15 1.64 -10.64
C GLU A 4 4.04 0.52 -9.62
N ILE A 5 5.07 -0.35 -9.53
CA ILE A 5 5.01 -1.43 -8.55
C ILE A 5 4.93 -0.84 -7.17
N PHE A 6 5.71 0.22 -6.86
CA PHE A 6 5.65 0.77 -5.51
C PHE A 6 4.24 1.32 -5.28
N LYS A 7 3.83 2.38 -5.99
CA LYS A 7 2.50 2.96 -5.74
C LYS A 7 1.43 1.90 -5.74
N ALA A 8 1.30 1.09 -6.82
CA ALA A 8 0.21 0.11 -6.85
C ALA A 8 0.33 -0.85 -5.70
N GLY A 9 1.53 -1.42 -5.47
CA GLY A 9 1.69 -2.41 -4.42
C GLY A 9 1.41 -1.81 -3.06
N LEU A 10 2.29 -0.90 -2.58
CA LEU A 10 2.10 -0.36 -1.23
C LEU A 10 0.77 0.34 -1.13
N GLY A 11 0.29 1.03 -2.19
CA GLY A 11 -0.99 1.73 -2.07
C GLY A 11 -2.10 0.76 -1.74
N SER A 12 -2.15 -0.41 -2.43
CA SER A 12 -3.20 -1.37 -2.12
C SER A 12 -2.95 -2.00 -0.77
N LEU A 13 -1.70 -2.44 -0.47
CA LEU A 13 -1.46 -3.18 0.75
C LEU A 13 -1.60 -2.28 1.95
N VAL A 14 -0.91 -1.11 1.99
CA VAL A 14 -0.97 -0.25 3.18
C VAL A 14 -2.41 -0.06 3.60
N LYS A 15 -3.37 0.05 2.66
CA LYS A 15 -4.76 0.25 3.07
C LYS A 15 -5.19 -0.95 3.86
N GLY A 16 -5.14 -2.18 3.29
CA GLY A 16 -5.62 -3.34 4.03
C GLY A 16 -4.82 -3.63 5.28
N ILE A 17 -3.48 -3.43 5.25
CA ILE A 17 -2.66 -3.77 6.41
C ILE A 17 -2.87 -2.72 7.47
N ALA A 18 -2.62 -1.42 7.16
CA ALA A 18 -2.78 -0.39 8.17
C ALA A 18 -4.22 -0.20 8.55
N ALA A 19 -5.22 -0.62 7.74
CA ALA A 19 -6.61 -0.43 8.15
C ALA A 19 -6.80 -0.84 9.59
N HIS A 20 -6.24 -2.00 10.01
CA HIS A 20 -6.46 -2.45 11.37
C HIS A 20 -5.90 -1.44 12.34
N VAL A 21 -4.66 -0.94 12.10
CA VAL A 21 -4.07 0.05 13.01
C VAL A 21 -4.65 1.40 12.73
N ALA A 22 -4.34 2.02 11.56
CA ALA A 22 -4.83 3.38 11.27
C ALA A 22 -6.16 3.30 10.55
N SER A 23 -7.24 2.88 11.26
CA SER A 23 -8.57 2.90 10.67
C SER A 23 -8.59 2.25 9.31
N GLY A 1 10.76 -0.71 -13.83
CA GLY A 1 10.93 0.48 -13.03
C GLY A 1 10.48 0.24 -11.61
N LEU A 2 10.71 1.22 -10.71
CA LEU A 2 10.30 1.09 -9.31
C LEU A 2 9.27 2.14 -9.03
N LYS A 3 8.18 2.17 -9.85
CA LYS A 3 7.15 3.20 -9.71
C LYS A 3 5.78 2.57 -9.75
N GLU A 4 5.42 1.78 -10.79
CA GLU A 4 4.16 1.04 -10.72
C GLU A 4 4.15 0.24 -9.45
N ILE A 5 5.25 -0.48 -9.12
CA ILE A 5 5.26 -1.30 -7.91
C ILE A 5 5.18 -0.39 -6.71
N PHE A 6 6.04 0.65 -6.63
CA PHE A 6 6.01 1.52 -5.45
C PHE A 6 4.71 2.29 -5.38
N LYS A 7 3.91 2.37 -6.46
CA LYS A 7 2.60 3.05 -6.38
C LYS A 7 1.54 2.00 -6.65
N ALA A 8 1.65 0.83 -5.99
CA ALA A 8 0.65 -0.22 -6.15
C ALA A 8 0.77 -1.25 -5.05
N GLY A 9 1.94 -1.90 -4.87
CA GLY A 9 2.09 -2.83 -3.75
C GLY A 9 1.92 -2.04 -2.47
N LEU A 10 2.94 -1.26 -2.05
CA LEU A 10 2.79 -0.45 -0.84
C LEU A 10 1.63 0.51 -0.99
N GLY A 11 1.34 1.04 -2.20
CA GLY A 11 0.26 2.01 -2.36
C GLY A 11 -1.08 1.45 -1.94
N SER A 12 -1.43 0.23 -2.41
CA SER A 12 -2.72 -0.36 -2.07
C SER A 12 -2.63 -1.16 -0.79
N LEU A 13 -1.62 -2.04 -0.67
CA LEU A 13 -1.55 -2.92 0.51
C LEU A 13 -1.53 -2.09 1.77
N VAL A 14 -0.79 -0.96 1.84
CA VAL A 14 -0.78 -0.19 3.09
C VAL A 14 -2.20 0.05 3.54
N LYS A 15 -3.15 0.32 2.63
CA LYS A 15 -4.53 0.56 3.07
C LYS A 15 -5.07 -0.73 3.64
N GLY A 16 -5.09 -1.83 2.86
CA GLY A 16 -5.67 -3.07 3.37
C GLY A 16 -5.04 -3.53 4.66
N ILE A 17 -3.71 -3.35 4.84
CA ILE A 17 -3.03 -3.86 6.02
C ILE A 17 -3.12 -2.84 7.13
N ALA A 18 -2.59 -1.61 6.93
CA ALA A 18 -2.58 -0.64 8.02
C ALA A 18 -3.99 -0.31 8.47
N ALA A 19 -5.01 -0.32 7.58
CA ALA A 19 -6.35 0.07 8.00
C ALA A 19 -6.72 -0.54 9.34
N HIS A 20 -6.42 -1.84 9.56
CA HIS A 20 -6.79 -2.45 10.83
C HIS A 20 -6.15 -1.68 11.97
N VAL A 21 -4.85 -1.34 11.85
CA VAL A 21 -4.18 -0.57 12.89
C VAL A 21 -4.57 0.88 12.80
N ALA A 22 -4.19 1.60 11.71
CA ALA A 22 -4.42 3.04 11.61
C ALA A 22 -5.59 3.35 10.71
N SER A 23 -6.79 2.79 11.01
CA SER A 23 -8.00 3.17 10.28
C SER A 23 -7.79 3.26 8.80
N GLY A 1 11.42 4.08 -12.64
CA GLY A 1 11.72 2.72 -12.26
C GLY A 1 11.21 2.44 -10.87
N LEU A 2 10.84 1.17 -10.56
CA LEU A 2 10.32 0.86 -9.22
C LEU A 2 9.24 1.84 -8.83
N LYS A 3 8.39 2.29 -9.80
CA LYS A 3 7.35 3.26 -9.49
C LYS A 3 6.01 2.57 -9.46
N GLU A 4 5.60 1.86 -10.53
CA GLU A 4 4.32 1.16 -10.51
C GLU A 4 4.24 0.31 -9.26
N ILE A 5 5.32 -0.42 -8.92
CA ILE A 5 5.28 -1.27 -7.73
C ILE A 5 5.18 -0.38 -6.51
N PHE A 6 6.00 0.70 -6.41
CA PHE A 6 5.95 1.52 -5.20
C PHE A 6 4.63 2.25 -5.07
N LYS A 7 3.83 2.44 -6.15
CA LYS A 7 2.48 2.97 -5.97
C LYS A 7 1.45 1.86 -6.06
N ALA A 8 1.78 0.63 -5.59
CA ALA A 8 0.81 -0.48 -5.68
C ALA A 8 1.08 -1.50 -4.60
N GLY A 9 2.27 -2.12 -4.53
CA GLY A 9 2.55 -3.04 -3.43
C GLY A 9 2.36 -2.28 -2.13
N LEU A 10 3.28 -1.35 -1.79
CA LEU A 10 3.10 -0.56 -0.57
C LEU A 10 2.08 0.54 -0.74
N GLY A 11 1.70 0.95 -1.98
CA GLY A 11 0.74 2.04 -2.13
C GLY A 11 -0.66 1.60 -1.75
N SER A 12 -1.16 0.49 -2.34
CA SER A 12 -2.52 0.04 -2.05
C SER A 12 -2.56 -0.84 -0.83
N LEU A 13 -1.64 -1.83 -0.70
CA LEU A 13 -1.76 -2.78 0.41
C LEU A 13 -1.64 -2.06 1.72
N VAL A 14 -0.74 -1.07 1.88
CA VAL A 14 -0.64 -0.40 3.17
C VAL A 14 -2.00 0.07 3.63
N LYS A 15 -2.86 0.58 2.71
CA LYS A 15 -4.15 1.09 3.16
C LYS A 15 -4.94 -0.06 3.75
N GLY A 16 -5.15 -1.16 3.00
CA GLY A 16 -5.97 -2.25 3.53
C GLY A 16 -5.36 -2.90 4.74
N ILE A 17 -4.02 -3.09 4.77
CA ILE A 17 -3.39 -3.78 5.91
C ILE A 17 -3.44 -2.83 7.09
N ALA A 18 -2.82 -1.64 6.96
CA ALA A 18 -2.78 -0.72 8.09
C ALA A 18 -4.17 -0.30 8.52
N ALA A 19 -5.19 -0.30 7.61
CA ALA A 19 -6.53 0.13 8.03
C ALA A 19 -6.90 -0.47 9.37
N HIS A 20 -6.65 -1.78 9.58
CA HIS A 20 -7.04 -2.39 10.85
C HIS A 20 -6.34 -1.66 11.98
N VAL A 21 -5.02 -1.45 11.87
CA VAL A 21 -4.29 -0.78 12.95
C VAL A 21 -4.55 0.72 12.87
N ALA A 22 -4.04 1.42 11.83
CA ALA A 22 -4.21 2.87 11.73
C ALA A 22 -5.47 3.19 10.97
N SER A 23 -6.66 2.90 11.55
CA SER A 23 -7.92 3.31 10.94
C SER A 23 -7.96 3.01 9.46
N GLY A 1 12.33 3.33 -12.69
CA GLY A 1 11.21 2.40 -12.57
C GLY A 1 10.80 2.26 -11.12
N LEU A 2 10.43 1.05 -10.65
CA LEU A 2 10.02 0.89 -9.26
C LEU A 2 8.95 1.89 -8.92
N LYS A 3 7.97 2.09 -9.83
CA LYS A 3 6.95 3.13 -9.65
C LYS A 3 5.56 2.51 -9.64
N GLU A 4 5.18 1.71 -10.67
CA GLU A 4 3.89 1.01 -10.59
C GLU A 4 3.90 0.14 -9.36
N ILE A 5 5.03 -0.56 -9.06
CA ILE A 5 5.08 -1.39 -7.86
C ILE A 5 4.90 -0.49 -6.65
N PHE A 6 5.65 0.63 -6.56
CA PHE A 6 5.52 1.49 -5.39
C PHE A 6 4.12 2.09 -5.33
N LYS A 7 3.38 2.18 -6.46
CA LYS A 7 1.96 2.56 -6.39
C LYS A 7 1.11 1.33 -6.63
N ALA A 8 1.41 0.21 -5.93
CA ALA A 8 0.57 -0.98 -6.00
C ALA A 8 0.81 -1.87 -4.81
N GLY A 9 2.05 -2.37 -4.57
CA GLY A 9 2.29 -3.16 -3.38
C GLY A 9 2.06 -2.26 -2.18
N LEU A 10 3.05 -1.42 -1.81
CA LEU A 10 2.85 -0.53 -0.67
C LEU A 10 1.70 0.43 -0.91
N GLY A 11 1.38 0.80 -2.17
CA GLY A 11 0.31 1.76 -2.41
C GLY A 11 -1.04 1.22 -1.99
N SER A 12 -1.43 0.03 -2.49
CA SER A 12 -2.75 -0.52 -2.15
C SER A 12 -2.70 -1.30 -0.86
N LEU A 13 -1.70 -2.18 -0.67
CA LEU A 13 -1.71 -3.07 0.49
C LEU A 13 -1.67 -2.26 1.76
N VAL A 14 -0.90 -1.15 1.85
CA VAL A 14 -0.88 -0.39 3.10
C VAL A 14 -2.29 -0.10 3.56
N LYS A 15 -3.23 0.19 2.64
CA LYS A 15 -4.60 0.47 3.08
C LYS A 15 -5.15 -0.78 3.69
N GLY A 16 -5.18 -1.92 2.97
CA GLY A 16 -5.77 -3.13 3.54
C GLY A 16 -5.12 -3.55 4.84
N ILE A 17 -3.78 -3.39 4.95
CA ILE A 17 -3.07 -3.88 6.14
C ILE A 17 -3.21 -2.85 7.23
N ALA A 18 -2.72 -1.61 7.02
CA ALA A 18 -2.75 -0.61 8.09
C ALA A 18 -4.17 -0.32 8.51
N ALA A 19 -5.19 -0.41 7.63
CA ALA A 19 -6.55 -0.05 8.04
C ALA A 19 -6.88 -0.65 9.39
N HIS A 20 -6.55 -1.94 9.63
CA HIS A 20 -6.88 -2.53 10.92
C HIS A 20 -6.24 -1.73 12.03
N VAL A 21 -4.95 -1.36 11.89
CA VAL A 21 -4.28 -0.59 12.93
C VAL A 21 -4.68 0.87 12.82
N ALA A 22 -4.27 1.58 11.74
CA ALA A 22 -4.51 3.03 11.65
C ALA A 22 -5.66 3.33 10.72
N SER A 23 -6.86 2.74 10.96
CA SER A 23 -8.06 3.11 10.22
C SER A 23 -7.80 3.29 8.74
N GLY A 1 10.50 0.78 -13.91
CA GLY A 1 11.59 0.42 -13.03
C GLY A 1 11.04 0.05 -11.67
N LEU A 2 10.59 1.05 -10.87
CA LEU A 2 10.02 0.74 -9.56
C LEU A 2 8.97 1.76 -9.14
N LYS A 3 8.19 2.34 -10.08
CA LYS A 3 7.09 3.24 -9.70
C LYS A 3 5.82 2.42 -9.64
N GLU A 4 5.45 1.67 -10.70
CA GLU A 4 4.22 0.89 -10.65
C GLU A 4 4.23 0.05 -9.39
N ILE A 5 5.34 -0.65 -9.08
CA ILE A 5 5.36 -1.49 -7.88
C ILE A 5 5.26 -0.61 -6.66
N PHE A 6 6.08 0.46 -6.56
CA PHE A 6 6.02 1.30 -5.36
C PHE A 6 4.69 2.03 -5.28
N LYS A 7 3.88 2.11 -6.36
CA LYS A 7 2.57 2.76 -6.29
C LYS A 7 1.52 1.69 -6.55
N ALA A 8 1.71 0.48 -5.98
CA ALA A 8 0.72 -0.59 -6.14
C ALA A 8 0.88 -1.61 -5.02
N GLY A 9 2.07 -2.24 -4.84
CA GLY A 9 2.24 -3.13 -3.69
C GLY A 9 2.09 -2.29 -2.44
N LEU A 10 3.14 -1.54 -2.03
CA LEU A 10 3.00 -0.70 -0.84
C LEU A 10 1.90 0.33 -1.04
N GLY A 11 1.66 0.81 -2.28
CA GLY A 11 0.63 1.84 -2.48
C GLY A 11 -0.75 1.37 -2.08
N SER A 12 -1.20 0.21 -2.59
CA SER A 12 -2.55 -0.27 -2.27
C SER A 12 -2.55 -1.09 -1.00
N LEU A 13 -1.59 -2.02 -0.83
CA LEU A 13 -1.63 -2.91 0.33
C LEU A 13 -1.62 -2.09 1.59
N VAL A 14 -0.76 -1.06 1.72
CA VAL A 14 -0.74 -0.30 2.98
C VAL A 14 -2.15 0.12 3.36
N LYS A 15 -3.02 0.48 2.39
CA LYS A 15 -4.34 0.98 2.77
C LYS A 15 -5.04 -0.15 3.48
N GLY A 16 -5.29 -1.31 2.83
CA GLY A 16 -6.05 -2.38 3.47
C GLY A 16 -5.36 -2.95 4.69
N ILE A 17 -4.01 -3.08 4.66
CA ILE A 17 -3.31 -3.69 5.78
C ILE A 17 -3.33 -2.71 6.94
N ALA A 18 -2.80 -1.48 6.75
CA ALA A 18 -2.78 -0.52 7.85
C ALA A 18 -4.18 -0.15 8.27
N ALA A 19 -5.21 -0.22 7.40
CA ALA A 19 -6.56 0.16 7.82
C ALA A 19 -6.88 -0.41 9.18
N HIS A 20 -6.55 -1.69 9.42
CA HIS A 20 -6.89 -2.29 10.71
C HIS A 20 -6.18 -1.52 11.81
N VAL A 21 -4.85 -1.27 11.67
CA VAL A 21 -4.12 -0.55 12.71
C VAL A 21 -4.44 0.92 12.62
N ALA A 22 -4.00 1.63 11.55
CA ALA A 22 -4.24 3.06 11.45
C ALA A 22 -5.55 3.33 10.75
N SER A 23 -6.69 2.93 11.38
CA SER A 23 -8.01 3.26 10.83
C SER A 23 -8.09 2.96 9.35
N GLY A 1 10.28 -0.81 -13.61
CA GLY A 1 10.64 0.38 -12.84
C GLY A 1 10.23 0.23 -11.39
N LEU A 2 10.49 1.28 -10.57
CA LEU A 2 10.12 1.24 -9.16
C LEU A 2 9.07 2.31 -8.95
N LYS A 3 7.97 2.23 -9.74
CA LYS A 3 6.94 3.27 -9.74
C LYS A 3 5.58 2.61 -9.76
N GLU A 4 5.25 1.78 -10.79
CA GLU A 4 3.99 1.03 -10.74
C GLU A 4 3.98 0.21 -9.46
N ILE A 5 5.10 -0.47 -9.13
CA ILE A 5 5.13 -1.28 -7.92
C ILE A 5 4.97 -0.37 -6.72
N PHE A 6 5.74 0.74 -6.65
CA PHE A 6 5.63 1.62 -5.49
C PHE A 6 4.25 2.25 -5.45
N LYS A 7 3.51 2.32 -6.57
CA LYS A 7 2.11 2.78 -6.55
C LYS A 7 1.21 1.57 -6.75
N ALA A 8 1.48 0.45 -6.04
CA ALA A 8 0.59 -0.72 -6.13
C ALA A 8 0.81 -1.62 -4.95
N GLY A 9 2.04 -2.16 -4.72
CA GLY A 9 2.27 -2.97 -3.54
C GLY A 9 2.11 -2.08 -2.33
N LEU A 10 3.15 -1.30 -1.96
CA LEU A 10 3.00 -0.41 -0.80
C LEU A 10 1.87 0.57 -1.02
N GLY A 11 1.57 0.99 -2.27
CA GLY A 11 0.51 1.97 -2.48
C GLY A 11 -0.83 1.47 -2.02
N SER A 12 -1.29 0.31 -2.55
CA SER A 12 -2.62 -0.19 -2.19
C SER A 12 -2.57 -0.96 -0.89
N LEU A 13 -1.60 -1.89 -0.73
CA LEU A 13 -1.62 -2.77 0.43
C LEU A 13 -1.58 -1.96 1.71
N VAL A 14 -0.74 -0.92 1.81
CA VAL A 14 -0.64 -0.20 3.09
C VAL A 14 -2.01 0.18 3.60
N LYS A 15 -2.95 0.62 2.74
CA LYS A 15 -4.23 1.11 3.25
C LYS A 15 -5.02 -0.05 3.83
N GLY A 16 -5.18 -1.16 3.08
CA GLY A 16 -5.95 -2.29 3.61
C GLY A 16 -5.26 -2.94 4.79
N ILE A 17 -3.92 -3.09 4.77
CA ILE A 17 -3.23 -3.75 5.87
C ILE A 17 -3.28 -2.83 7.07
N ALA A 18 -2.80 -1.57 6.92
CA ALA A 18 -2.81 -0.65 8.07
C ALA A 18 -4.20 -0.43 8.59
N ALA A 19 -5.28 -0.61 7.79
CA ALA A 19 -6.64 -0.32 8.28
C ALA A 19 -6.82 -0.69 9.73
N HIS A 20 -6.51 -1.95 10.14
CA HIS A 20 -6.65 -2.31 11.55
C HIS A 20 -5.88 -1.34 12.42
N VAL A 21 -4.58 -1.14 12.14
CA VAL A 21 -3.76 -0.32 13.04
C VAL A 21 -4.15 1.14 12.92
N ALA A 22 -4.08 1.74 11.71
CA ALA A 22 -4.32 3.17 11.55
C ALA A 22 -5.26 3.43 10.40
N SER A 23 -6.57 3.13 10.56
CA SER A 23 -7.53 3.51 9.53
C SER A 23 -7.60 5.02 9.50
N GLY A 1 11.45 -1.03 -13.91
CA GLY A 1 11.31 0.17 -13.11
C GLY A 1 10.86 -0.19 -11.72
N LEU A 2 10.46 0.82 -10.91
CA LEU A 2 10.00 0.55 -9.55
C LEU A 2 8.98 1.59 -9.12
N LYS A 3 8.05 1.98 -10.04
CA LYS A 3 7.08 3.02 -9.73
C LYS A 3 5.68 2.46 -9.74
N GLU A 4 5.25 1.71 -10.78
CA GLU A 4 3.98 0.99 -10.68
C GLU A 4 4.01 0.16 -9.42
N ILE A 5 5.12 -0.56 -9.14
CA ILE A 5 5.16 -1.41 -7.96
C ILE A 5 5.07 -0.53 -6.73
N PHE A 6 5.92 0.51 -6.62
CA PHE A 6 5.88 1.35 -5.42
C PHE A 6 4.55 2.08 -5.33
N LYS A 7 3.79 2.22 -6.45
CA LYS A 7 2.45 2.84 -6.38
C LYS A 7 1.43 1.76 -6.64
N ALA A 8 1.57 0.60 -5.96
CA ALA A 8 0.58 -0.48 -6.08
C ALA A 8 0.71 -1.46 -4.95
N GLY A 9 1.89 -2.10 -4.74
CA GLY A 9 2.02 -2.99 -3.59
C GLY A 9 1.89 -2.16 -2.33
N LEU A 10 2.96 -1.45 -1.93
CA LEU A 10 2.85 -0.61 -0.74
C LEU A 10 1.76 0.44 -0.91
N GLY A 11 1.47 0.90 -2.14
CA GLY A 11 0.45 1.94 -2.31
C GLY A 11 -0.93 1.46 -1.88
N SER A 12 -1.41 0.34 -2.46
CA SER A 12 -2.76 -0.15 -2.12
C SER A 12 -2.74 -0.97 -0.85
N LEU A 13 -1.78 -1.92 -0.72
CA LEU A 13 -1.82 -2.84 0.42
C LEU A 13 -1.75 -2.08 1.72
N VAL A 14 -0.89 -1.04 1.85
CA VAL A 14 -0.79 -0.35 3.14
C VAL A 14 -2.17 0.05 3.62
N LYS A 15 -3.08 0.50 2.73
CA LYS A 15 -4.39 0.94 3.19
C LYS A 15 -5.11 -0.23 3.82
N GLY A 16 -5.22 -1.38 3.12
CA GLY A 16 -5.94 -2.51 3.67
C GLY A 16 -5.26 -3.10 4.89
N ILE A 17 -3.92 -3.13 4.93
CA ILE A 17 -3.23 -3.73 6.08
C ILE A 17 -3.35 -2.76 7.23
N ALA A 18 -2.91 -1.50 7.06
CA ALA A 18 -3.02 -0.53 8.14
C ALA A 18 -4.45 -0.29 8.55
N ALA A 19 -5.48 -0.64 7.73
CA ALA A 19 -6.86 -0.43 8.15
C ALA A 19 -7.06 -0.76 9.61
N HIS A 20 -6.62 -1.96 10.07
CA HIS A 20 -6.74 -2.28 11.48
C HIS A 20 -5.87 -1.34 12.30
N VAL A 21 -4.56 -1.23 11.98
CA VAL A 21 -3.66 -0.51 12.89
C VAL A 21 -4.04 0.95 12.96
N ALA A 22 -4.04 1.68 11.82
CA ALA A 22 -4.32 3.10 11.84
C ALA A 22 -5.17 3.50 10.66
N SER A 23 -6.33 2.83 10.47
CA SER A 23 -7.27 3.24 9.43
C SER A 23 -6.60 3.38 8.08
N GLY A 1 11.78 -1.01 -13.66
CA GLY A 1 11.37 0.23 -13.02
C GLY A 1 10.94 -0.01 -11.61
N LEU A 2 10.45 1.04 -10.90
CA LEU A 2 10.01 0.86 -9.52
C LEU A 2 8.96 1.91 -9.19
N LYS A 3 7.94 2.05 -10.08
CA LYS A 3 6.91 3.09 -9.91
C LYS A 3 5.55 2.44 -9.84
N GLU A 4 5.13 1.64 -10.85
CA GLU A 4 3.85 0.94 -10.74
C GLU A 4 3.90 0.07 -9.50
N ILE A 5 5.01 -0.67 -9.26
CA ILE A 5 5.08 -1.51 -8.07
C ILE A 5 4.98 -0.62 -6.86
N PHE A 6 5.81 0.43 -6.77
CA PHE A 6 5.77 1.29 -5.58
C PHE A 6 4.44 2.01 -5.48
N LYS A 7 3.65 2.14 -6.57
CA LYS A 7 2.34 2.77 -6.49
C LYS A 7 1.28 1.68 -6.67
N ALA A 8 1.48 0.51 -6.02
CA ALA A 8 0.49 -0.57 -6.12
C ALA A 8 0.64 -1.54 -4.97
N GLY A 9 1.83 -2.16 -4.76
CA GLY A 9 1.98 -3.03 -3.59
C GLY A 9 1.81 -2.18 -2.36
N LEU A 10 2.85 -1.41 -1.95
CA LEU A 10 2.69 -0.53 -0.80
C LEU A 10 1.57 0.46 -1.03
N GLY A 11 1.33 0.91 -2.29
CA GLY A 11 0.29 1.91 -2.53
C GLY A 11 -1.08 1.43 -2.09
N SER A 12 -1.50 0.21 -2.51
CA SER A 12 -2.82 -0.29 -2.14
C SER A 12 -2.77 -1.06 -0.84
N LEU A 13 -1.80 -1.99 -0.67
CA LEU A 13 -1.77 -2.84 0.51
C LEU A 13 -1.76 -2.01 1.77
N VAL A 14 -1.04 -0.86 1.81
CA VAL A 14 -1.03 -0.08 3.05
C VAL A 14 -2.43 0.11 3.56
N LYS A 15 -3.44 0.39 2.70
CA LYS A 15 -4.80 0.51 3.22
C LYS A 15 -5.22 -0.86 3.70
N GLY A 16 -5.17 -1.91 2.85
CA GLY A 16 -5.63 -3.22 3.26
C GLY A 16 -5.05 -3.68 4.57
N ILE A 17 -3.79 -3.31 4.89
CA ILE A 17 -3.14 -3.80 6.11
C ILE A 17 -3.21 -2.75 7.19
N ALA A 18 -2.65 -1.53 6.96
CA ALA A 18 -2.60 -0.54 8.03
C ALA A 18 -3.99 -0.16 8.50
N ALA A 19 -5.03 -0.13 7.62
CA ALA A 19 -6.36 0.24 8.07
C ALA A 19 -6.68 -0.36 9.43
N HIS A 20 -6.33 -1.65 9.66
CA HIS A 20 -6.66 -2.26 10.94
C HIS A 20 -5.98 -1.46 12.05
N VAL A 21 -4.67 -1.19 11.91
CA VAL A 21 -3.96 -0.42 12.94
C VAL A 21 -4.30 1.06 12.77
N ALA A 22 -3.87 1.71 11.66
CA ALA A 22 -4.18 3.12 11.46
C ALA A 22 -5.58 3.25 10.92
N SER A 23 -6.62 3.00 11.75
CA SER A 23 -7.99 3.17 11.29
C SER A 23 -8.29 4.64 11.27
N GLY A 1 11.92 3.96 -12.53
CA GLY A 1 11.67 2.53 -12.38
C GLY A 1 11.13 2.22 -11.02
N LEU A 2 10.70 0.95 -10.77
CA LEU A 2 10.16 0.58 -9.46
C LEU A 2 9.04 1.51 -9.03
N LYS A 3 8.32 2.17 -9.97
CA LYS A 3 7.30 3.14 -9.57
C LYS A 3 5.96 2.46 -9.50
N GLU A 4 5.54 1.70 -10.54
CA GLU A 4 4.24 1.03 -10.48
C GLU A 4 4.19 0.14 -9.26
N ILE A 5 5.29 -0.59 -8.95
CA ILE A 5 5.27 -1.44 -7.76
C ILE A 5 5.10 -0.54 -6.56
N PHE A 6 5.88 0.55 -6.44
CA PHE A 6 5.73 1.42 -5.28
C PHE A 6 4.36 2.07 -5.27
N LYS A 7 3.66 2.18 -6.43
CA LYS A 7 2.27 2.67 -6.45
C LYS A 7 1.34 1.48 -6.60
N ALA A 8 1.62 0.35 -5.93
CA ALA A 8 0.71 -0.80 -6.01
C ALA A 8 0.92 -1.73 -4.84
N GLY A 9 2.13 -2.29 -4.61
CA GLY A 9 2.33 -3.10 -3.41
C GLY A 9 2.13 -2.22 -2.21
N LEU A 10 3.13 -1.40 -1.81
CA LEU A 10 2.94 -0.51 -0.67
C LEU A 10 1.82 0.48 -0.95
N GLY A 11 1.60 0.90 -2.22
CA GLY A 11 0.58 1.90 -2.51
C GLY A 11 -0.80 1.42 -2.09
N SER A 12 -1.24 0.22 -2.54
CA SER A 12 -2.57 -0.25 -2.20
C SER A 12 -2.58 -1.06 -0.93
N LEU A 13 -1.63 -2.01 -0.76
CA LEU A 13 -1.69 -2.91 0.40
C LEU A 13 -1.65 -2.11 1.68
N VAL A 14 -0.88 -1.00 1.78
CA VAL A 14 -0.84 -0.25 3.03
C VAL A 14 -2.26 0.01 3.52
N LYS A 15 -3.23 0.32 2.61
CA LYS A 15 -4.59 0.55 3.09
C LYS A 15 -5.10 -0.76 3.65
N GLY A 16 -5.12 -1.85 2.84
CA GLY A 16 -5.68 -3.10 3.34
C GLY A 16 -5.06 -3.56 4.65
N ILE A 17 -3.74 -3.32 4.85
CA ILE A 17 -3.06 -3.82 6.04
C ILE A 17 -3.18 -2.79 7.14
N ALA A 18 -2.63 -1.56 6.95
CA ALA A 18 -2.63 -0.59 8.02
C ALA A 18 -4.03 -0.22 8.44
N ALA A 19 -5.04 -0.21 7.53
CA ALA A 19 -6.39 0.20 7.95
C ALA A 19 -6.76 -0.39 9.29
N HIS A 20 -6.49 -1.70 9.52
CA HIS A 20 -6.88 -2.29 10.80
C HIS A 20 -6.19 -1.55 11.93
N VAL A 21 -4.87 -1.28 11.80
CA VAL A 21 -4.17 -0.55 12.85
C VAL A 21 -4.51 0.93 12.75
N ALA A 22 -4.07 1.63 11.68
CA ALA A 22 -4.31 3.07 11.56
C ALA A 22 -5.60 3.31 10.80
N SER A 23 -6.76 2.93 11.38
CA SER A 23 -8.06 3.25 10.78
C SER A 23 -8.06 2.99 9.29
#